data_7SMD
#
_entry.id   7SMD
#
_cell.length_a   98.741
_cell.length_b   75.868
_cell.length_c   71.973
_cell.angle_alpha   90.00
_cell.angle_beta   108.48
_cell.angle_gamma   90.00
#
_symmetry.space_group_name_H-M   'C 1 2 1'
#
loop_
_entity.id
_entity.type
_entity.pdbx_description
1 polymer 'Retinoblastoma-like protein 1'
2 polymer 'EP300-interacting inhibitor of differentiation 1'
3 non-polymer 'SULFATE ION'
4 water water
#
loop_
_entity_poly.entity_id
_entity_poly.type
_entity_poly.pdbx_seq_one_letter_code
_entity_poly.pdbx_strand_id
1 'polypeptide(L)'
;GEFTQSVSRLQSIVAGLKNAPSDQLINIFESCVRNPVENIMKILKGIGETFCQHYTQSTDEQPGSHIDFAVNRLKLAEIL
YYKILETVMVQETRRLHGMDMSVLLEQDIFHRSLMACCLEIVLFAYSSPRTFPWIIEVLNLQPFYFYKVIEVVIRSEEGL
SRDMVKHLNSIEEQILESLAWSHDSALWEALQVSANKVPTCEEVIFPNNFETGNNRPKRTGSLALFYRKVYHLASVRLRD
LCLKLDVSNELRRKIWTCFEFTLVHCPDLMKDRHLDQLLLCAFYIMAKVTKEERTFQEIMKSYRNQPQANSHVYRSVLLK
SIKEERGDLIKFYNTIYVGRVKSFALKYDLANQDHMMDAPPLSPFPHIKQQ
;
A
2 'polypeptide(L)' LTEELGCDEIIDRE B
#
# COMPACT_ATOMS: atom_id res chain seq x y z
N GLU A 2 29.72 -8.08 -16.00
CA GLU A 2 28.88 -9.32 -16.06
C GLU A 2 27.68 -9.20 -15.12
N PHE A 3 27.64 -8.31 -14.13
CA PHE A 3 26.49 -8.13 -13.20
C PHE A 3 25.38 -7.34 -13.89
N THR A 4 24.12 -7.65 -13.57
CA THR A 4 22.93 -6.87 -13.99
C THR A 4 23.11 -5.44 -13.48
N GLN A 5 22.40 -4.48 -14.07
CA GLN A 5 22.40 -3.04 -13.72
C GLN A 5 21.98 -2.86 -12.25
N SER A 6 20.93 -3.58 -11.83
CA SER A 6 20.23 -3.52 -10.52
C SER A 6 21.18 -4.04 -9.43
N VAL A 7 21.84 -5.14 -9.76
CA VAL A 7 22.80 -5.80 -8.83
C VAL A 7 24.05 -4.92 -8.70
N SER A 8 24.52 -4.38 -9.80
CA SER A 8 25.69 -3.46 -9.78
C SER A 8 25.36 -2.21 -8.95
N ARG A 9 24.12 -1.72 -9.04
CA ARG A 9 23.71 -0.55 -8.22
C ARG A 9 23.73 -0.90 -6.74
N LEU A 10 23.13 -2.02 -6.34
CA LEU A 10 23.18 -2.33 -4.89
C LEU A 10 24.65 -2.50 -4.49
N GLN A 11 25.51 -3.15 -5.26
CA GLN A 11 26.86 -3.30 -4.68
C GLN A 11 27.59 -1.95 -4.69
N SER A 12 27.22 -0.98 -5.51
CA SER A 12 27.75 0.41 -5.39
C SER A 12 27.26 1.05 -4.09
N ILE A 13 25.99 0.84 -3.74
CA ILE A 13 25.40 1.50 -2.54
C ILE A 13 26.06 0.92 -1.29
N VAL A 14 26.36 -0.38 -1.29
CA VAL A 14 26.89 -1.02 -0.06
C VAL A 14 28.44 -1.01 -0.07
N ALA A 15 29.08 -0.44 -1.08
CA ALA A 15 30.55 -0.54 -1.31
C ALA A 15 31.31 -0.06 -0.07
N GLY A 16 32.07 -0.95 0.56
CA GLY A 16 32.98 -0.63 1.68
C GLY A 16 32.26 -0.30 2.98
N LEU A 17 30.94 -0.49 3.06
CA LEU A 17 30.18 -0.40 4.33
C LEU A 17 30.14 -1.79 4.92
N LYS A 18 29.91 -1.90 6.23
CA LYS A 18 29.86 -3.18 6.98
C LYS A 18 28.41 -3.47 7.38
N ASN A 19 28.14 -4.70 7.77
CA ASN A 19 26.80 -5.10 8.31
C ASN A 19 26.85 -4.82 9.81
N ALA A 20 27.22 -3.60 10.18
CA ALA A 20 27.29 -3.15 11.59
C ALA A 20 26.99 -1.67 11.61
N PRO A 21 26.64 -1.12 12.79
CA PRO A 21 26.48 0.31 12.91
C PRO A 21 27.84 0.99 12.72
N SER A 22 27.84 2.09 11.99
CA SER A 22 28.93 3.07 11.87
C SER A 22 29.19 3.73 13.23
N ASP A 23 30.34 4.38 13.39
CA ASP A 23 30.68 5.05 14.68
C ASP A 23 29.71 6.20 14.90
N GLN A 24 29.24 6.83 13.84
CA GLN A 24 28.26 7.93 13.97
C GLN A 24 26.95 7.38 14.54
N LEU A 25 26.51 6.23 14.05
CA LEU A 25 25.23 5.63 14.54
C LEU A 25 25.42 5.18 15.98
N ILE A 26 26.59 4.66 16.31
CA ILE A 26 26.81 4.20 17.70
C ILE A 26 26.84 5.43 18.63
N ASN A 27 27.33 6.58 18.16
CA ASN A 27 27.27 7.87 18.89
C ASN A 27 25.81 8.21 19.20
N ILE A 28 24.99 8.19 18.15
CA ILE A 28 23.55 8.52 18.30
C ILE A 28 22.92 7.52 19.27
N PHE A 29 23.21 6.24 19.12
CA PHE A 29 22.69 5.22 20.06
C PHE A 29 23.10 5.63 21.49
N GLU A 30 24.35 6.07 21.67
CA GLU A 30 24.97 6.27 23.02
C GLU A 30 24.45 7.55 23.68
N SER A 31 23.99 8.51 22.88
CA SER A 31 23.33 9.76 23.36
C SER A 31 21.98 9.48 24.04
N CYS A 32 21.34 8.32 23.74
CA CYS A 32 20.01 7.95 24.25
C CYS A 32 20.11 7.48 25.69
N VAL A 33 19.18 7.89 26.56
CA VAL A 33 19.02 7.40 27.97
C VAL A 33 18.96 5.87 27.96
N ARG A 34 18.17 5.32 27.03
CA ARG A 34 18.06 3.86 26.76
C ARG A 34 18.75 3.53 25.43
N ASN A 35 20.01 3.14 25.48
CA ASN A 35 20.78 2.79 24.26
C ASN A 35 20.10 1.60 23.61
N PRO A 36 19.65 1.69 22.34
CA PRO A 36 18.89 0.62 21.69
C PRO A 36 19.70 -0.44 20.92
N VAL A 37 21.03 -0.37 20.95
CA VAL A 37 21.93 -1.14 20.03
C VAL A 37 21.67 -2.64 20.17
N GLU A 38 21.43 -3.13 21.38
CA GLU A 38 21.28 -4.59 21.59
C GLU A 38 19.90 -5.05 21.16
N ASN A 39 18.91 -4.19 21.34
CA ASN A 39 17.58 -4.65 20.89
C ASN A 39 17.50 -4.56 19.36
N ILE A 40 18.20 -3.65 18.69
CA ILE A 40 18.25 -3.62 17.20
C ILE A 40 18.93 -4.88 16.70
N MET A 41 20.00 -5.31 17.36
CA MET A 41 20.76 -6.50 16.91
C MET A 41 19.93 -7.76 17.12
N LYS A 42 19.15 -7.82 18.19
CA LYS A 42 18.25 -8.97 18.44
C LYS A 42 17.15 -9.02 17.37
N ILE A 43 16.60 -7.86 17.00
CA ILE A 43 15.56 -7.80 15.93
C ILE A 43 16.18 -8.33 14.64
N LEU A 44 17.37 -7.87 14.27
CA LEU A 44 18.01 -8.27 13.00
C LEU A 44 18.37 -9.76 13.02
N LYS A 45 18.71 -10.31 14.18
CA LYS A 45 19.03 -11.76 14.25
C LYS A 45 17.75 -12.58 14.11
N GLY A 46 16.65 -12.21 14.77
CA GLY A 46 15.37 -12.91 14.64
C GLY A 46 14.88 -12.91 13.21
N ILE A 47 14.93 -11.75 12.57
CA ILE A 47 14.53 -11.62 11.14
C ILE A 47 15.47 -12.48 10.29
N GLY A 48 16.76 -12.44 10.59
CA GLY A 48 17.75 -13.23 9.86
C GLY A 48 17.48 -14.72 9.94
N GLU A 49 17.21 -15.24 11.13
CA GLU A 49 16.92 -16.67 11.34
C GLU A 49 15.65 -17.07 10.60
N THR A 50 14.57 -16.30 10.79
CA THR A 50 13.29 -16.58 10.11
C THR A 50 13.46 -16.54 8.59
N PHE A 51 14.10 -15.50 8.08
CA PHE A 51 14.37 -15.39 6.62
C PHE A 51 15.11 -16.64 6.17
N CYS A 52 16.17 -17.02 6.90
CA CYS A 52 16.98 -18.15 6.38
C CYS A 52 16.17 -19.45 6.44
N GLN A 53 15.39 -19.66 7.49
CA GLN A 53 14.53 -20.87 7.64
C GLN A 53 13.54 -21.00 6.46
N HIS A 54 12.83 -19.94 6.13
CA HIS A 54 11.85 -19.95 5.01
C HIS A 54 12.53 -20.07 3.64
N TYR A 55 13.66 -19.39 3.43
CA TYR A 55 14.38 -19.39 2.14
C TYR A 55 14.87 -20.80 1.84
N THR A 56 15.33 -21.51 2.87
CA THR A 56 15.92 -22.85 2.72
C THR A 56 14.87 -23.95 2.83
N GLN A 57 13.63 -23.60 3.11
CA GLN A 57 12.66 -24.70 3.28
C GLN A 57 11.81 -24.83 2.02
N SER A 58 11.77 -26.08 1.56
CA SER A 58 11.10 -26.41 0.29
C SER A 58 9.58 -26.36 0.46
N THR A 59 8.91 -25.62 -0.39
CA THR A 59 7.42 -25.67 -0.44
C THR A 59 7.11 -26.19 -1.85
N ASP A 60 5.84 -26.40 -2.19
CA ASP A 60 5.59 -26.84 -3.58
C ASP A 60 5.31 -25.59 -4.43
N GLU A 61 5.13 -24.44 -3.77
CA GLU A 61 4.94 -23.14 -4.48
C GLU A 61 6.32 -22.61 -4.90
N GLN A 62 7.37 -23.02 -4.19
CA GLN A 62 8.74 -22.53 -4.46
C GLN A 62 9.73 -23.51 -3.91
N PRO A 63 10.54 -24.18 -4.76
CA PRO A 63 11.62 -25.00 -4.26
C PRO A 63 12.56 -24.11 -3.43
N GLY A 64 13.08 -24.65 -2.33
CA GLY A 64 13.95 -23.84 -1.43
C GLY A 64 15.34 -23.70 -1.96
N SER A 65 16.13 -22.81 -1.37
CA SER A 65 17.47 -22.58 -1.94
C SER A 65 18.56 -22.77 -0.89
N HIS A 66 19.80 -22.47 -1.25
CA HIS A 66 20.94 -22.80 -0.35
C HIS A 66 21.16 -21.74 0.72
N ILE A 67 21.64 -22.16 1.89
CA ILE A 67 21.94 -21.26 3.04
C ILE A 67 22.96 -20.20 2.64
N ASP A 68 23.88 -20.55 1.74
CA ASP A 68 24.97 -19.63 1.35
C ASP A 68 24.35 -18.43 0.63
N PHE A 69 23.38 -18.65 -0.24
CA PHE A 69 22.71 -17.52 -0.93
C PHE A 69 21.92 -16.68 0.08
N ALA A 70 21.23 -17.33 1.01
CA ALA A 70 20.41 -16.61 2.01
C ALA A 70 21.26 -15.66 2.83
N VAL A 71 22.39 -16.14 3.35
CA VAL A 71 23.29 -15.32 4.20
C VAL A 71 23.83 -14.14 3.39
N ASN A 72 24.14 -14.35 2.10
CA ASN A 72 24.60 -13.24 1.23
C ASN A 72 23.52 -12.16 1.13
N ARG A 73 22.30 -12.58 0.84
CA ARG A 73 21.17 -11.62 0.72
C ARG A 73 20.98 -10.91 2.06
N LEU A 74 20.99 -11.66 3.16
CA LEU A 74 20.79 -11.07 4.50
C LEU A 74 21.88 -10.05 4.79
N LYS A 75 23.14 -10.39 4.53
CA LYS A 75 24.25 -9.46 4.84
C LYS A 75 24.06 -8.18 4.02
N LEU A 76 23.74 -8.29 2.74
CA LEU A 76 23.55 -7.08 1.89
C LEU A 76 22.40 -6.26 2.45
N ALA A 77 21.35 -6.92 2.92
CA ALA A 77 20.20 -6.20 3.49
C ALA A 77 20.59 -5.57 4.83
N GLU A 78 21.36 -6.27 5.65
CA GLU A 78 21.87 -5.68 6.92
C GLU A 78 22.72 -4.42 6.65
N ILE A 79 23.55 -4.39 5.60
CA ILE A 79 24.40 -3.21 5.31
C ILE A 79 23.45 -2.10 4.90
N LEU A 80 22.44 -2.42 4.08
CA LEU A 80 21.43 -1.42 3.64
C LEU A 80 20.70 -0.89 4.87
N TYR A 81 20.35 -1.75 5.82
CA TYR A 81 19.65 -1.35 7.06
C TYR A 81 20.48 -0.31 7.85
N TYR A 82 21.74 -0.62 8.20
CA TYR A 82 22.62 0.29 9.01
C TYR A 82 22.80 1.62 8.25
N LYS A 83 22.99 1.55 6.93
CA LYS A 83 23.23 2.77 6.11
C LYS A 83 22.00 3.68 6.13
N ILE A 84 20.81 3.14 5.89
CA ILE A 84 19.56 3.96 5.83
C ILE A 84 19.21 4.43 7.24
N LEU A 85 19.36 3.58 8.27
CA LEU A 85 19.00 3.95 9.65
C LEU A 85 19.82 5.19 10.07
N GLU A 86 21.08 5.22 9.65
CA GLU A 86 22.00 6.32 9.98
C GLU A 86 21.48 7.59 9.33
N THR A 87 21.21 7.55 8.03
CA THR A 87 20.64 8.71 7.30
C THR A 87 19.35 9.17 7.98
N VAL A 88 18.46 8.26 8.39
CA VAL A 88 17.14 8.68 8.97
C VAL A 88 17.42 9.40 10.30
N MET A 89 18.21 8.76 11.16
CA MET A 89 18.42 9.22 12.54
C MET A 89 19.20 10.54 12.51
N VAL A 90 20.23 10.66 11.68
CA VAL A 90 21.04 11.92 11.53
C VAL A 90 20.11 13.06 11.13
N GLN A 91 19.13 12.84 10.23
CA GLN A 91 18.24 13.91 9.69
C GLN A 91 17.01 14.17 10.57
N GLU A 92 16.85 13.43 11.67
CA GLU A 92 15.72 13.62 12.60
C GLU A 92 15.83 14.99 13.28
N THR A 93 14.72 15.74 13.34
CA THR A 93 14.72 17.10 13.92
C THR A 93 15.12 17.05 15.39
N ARG A 94 14.73 15.99 16.09
CA ARG A 94 15.12 15.84 17.52
C ARG A 94 16.64 15.77 17.65
N ARG A 95 17.32 15.06 16.75
CA ARG A 95 18.80 14.98 16.78
C ARG A 95 19.39 16.38 16.55
N LEU A 96 18.83 17.11 15.60
CA LEU A 96 19.34 18.45 15.27
C LEU A 96 19.04 19.44 16.40
N HIS A 97 18.03 19.14 17.23
CA HIS A 97 17.67 20.04 18.37
C HIS A 97 18.28 19.52 19.66
N GLY A 98 19.04 18.42 19.62
CA GLY A 98 19.75 17.85 20.78
C GLY A 98 18.90 17.00 21.70
N MET A 99 17.81 16.45 21.22
CA MET A 99 16.76 15.80 22.06
C MET A 99 16.96 14.29 22.09
N ASP A 100 16.80 13.65 23.26
CA ASP A 100 16.90 12.19 23.45
C ASP A 100 15.98 11.47 22.46
N MET A 101 16.49 10.46 21.78
CA MET A 101 15.75 9.76 20.71
C MET A 101 15.41 8.33 21.14
N SER A 102 15.47 8.06 22.44
CA SER A 102 15.23 6.67 22.93
C SER A 102 13.83 6.24 22.47
N VAL A 103 12.78 7.06 22.55
CA VAL A 103 11.39 6.63 22.18
C VAL A 103 11.33 6.30 20.68
N LEU A 104 11.95 7.10 19.80
CA LEU A 104 11.95 6.87 18.32
C LEU A 104 12.67 5.55 17.99
N LEU A 105 13.76 5.22 18.67
CA LEU A 105 14.60 4.04 18.34
C LEU A 105 14.06 2.77 19.00
N GLU A 106 13.10 2.86 19.92
CA GLU A 106 12.59 1.63 20.58
C GLU A 106 11.24 1.22 19.97
N GLN A 107 10.84 1.77 18.82
CA GLN A 107 9.69 1.29 18.02
C GLN A 107 10.14 0.10 17.15
N ASP A 108 9.87 -1.12 17.63
CA ASP A 108 10.17 -2.41 16.99
C ASP A 108 9.66 -2.43 15.53
N ILE A 109 8.44 -1.95 15.31
CA ILE A 109 7.72 -2.04 14.01
C ILE A 109 8.51 -1.24 12.96
N PHE A 110 9.14 -0.14 13.35
CA PHE A 110 9.98 0.63 12.40
C PHE A 110 11.18 -0.22 11.98
N HIS A 111 11.90 -0.83 12.92
CA HIS A 111 13.15 -1.58 12.64
C HIS A 111 12.80 -2.81 11.80
N ARG A 112 11.74 -3.52 12.17
CA ARG A 112 11.35 -4.73 11.43
C ARG A 112 10.97 -4.29 10.00
N SER A 113 10.20 -3.23 9.88
CA SER A 113 9.72 -2.73 8.58
C SER A 113 10.89 -2.31 7.68
N LEU A 114 11.88 -1.61 8.25
CA LEU A 114 13.08 -1.12 7.53
C LEU A 114 13.90 -2.30 7.00
N MET A 115 14.13 -3.31 7.85
CA MET A 115 14.92 -4.51 7.50
C MET A 115 14.18 -5.36 6.45
N ALA A 116 12.88 -5.54 6.59
CA ALA A 116 12.06 -6.25 5.60
C ALA A 116 12.16 -5.52 4.24
N CYS A 117 12.15 -4.20 4.25
CA CYS A 117 12.20 -3.34 3.04
C CYS A 117 13.61 -3.38 2.39
N CYS A 118 14.67 -3.48 3.20
CA CYS A 118 16.00 -3.70 2.58
C CYS A 118 16.12 -5.14 2.07
N LEU A 119 15.58 -6.18 2.71
CA LEU A 119 15.46 -7.52 2.11
C LEU A 119 14.69 -7.45 0.77
N GLU A 120 13.60 -6.69 0.67
CA GLU A 120 12.79 -6.57 -0.57
C GLU A 120 13.65 -5.96 -1.68
N ILE A 121 14.44 -4.93 -1.36
CA ILE A 121 15.37 -4.24 -2.31
C ILE A 121 16.39 -5.27 -2.82
N VAL A 122 17.01 -6.03 -1.92
CA VAL A 122 18.02 -7.06 -2.31
C VAL A 122 17.39 -8.14 -3.20
N LEU A 123 16.22 -8.69 -2.81
CA LEU A 123 15.56 -9.78 -3.57
C LEU A 123 15.11 -9.22 -4.93
N PHE A 124 14.54 -8.04 -4.97
CA PHE A 124 14.17 -7.42 -6.27
C PHE A 124 15.42 -7.27 -7.15
N ALA A 125 16.54 -6.77 -6.63
CA ALA A 125 17.75 -6.49 -7.42
C ALA A 125 18.19 -7.78 -8.13
N TYR A 126 18.12 -8.91 -7.45
CA TYR A 126 18.52 -10.24 -8.01
C TYR A 126 17.40 -10.91 -8.81
N SER A 127 16.29 -10.21 -9.06
CA SER A 127 15.14 -10.83 -9.78
C SER A 127 14.68 -12.07 -9.03
N SER A 128 14.58 -12.07 -7.70
CA SER A 128 14.22 -13.26 -6.88
C SER A 128 12.78 -13.66 -7.22
N PRO A 129 12.47 -14.96 -7.22
CA PRO A 129 11.07 -15.40 -7.27
C PRO A 129 10.32 -15.08 -5.97
N ARG A 130 11.06 -14.80 -4.89
CA ARG A 130 10.46 -14.52 -3.56
C ARG A 130 9.85 -13.12 -3.64
N THR A 131 8.69 -13.03 -4.27
CA THR A 131 7.87 -11.86 -4.64
C THR A 131 7.23 -11.17 -3.45
N PHE A 132 7.30 -9.86 -3.22
CA PHE A 132 6.37 -9.24 -2.26
C PHE A 132 4.99 -9.76 -2.62
N PRO A 133 4.20 -10.34 -1.69
CA PRO A 133 4.39 -10.12 -0.25
C PRO A 133 5.12 -11.20 0.55
N TRP A 134 6.00 -11.98 -0.08
CA TRP A 134 6.74 -13.08 0.60
C TRP A 134 7.41 -12.57 1.87
N ILE A 135 8.19 -11.50 1.80
CA ILE A 135 8.98 -11.01 2.97
C ILE A 135 8.09 -10.65 4.17
N ILE A 136 6.96 -10.00 3.94
CA ILE A 136 6.11 -9.54 5.07
C ILE A 136 5.30 -10.72 5.61
N GLU A 137 5.09 -11.75 4.79
CA GLU A 137 4.37 -12.96 5.24
C GLU A 137 5.31 -13.83 6.08
N VAL A 138 6.57 -13.96 5.66
CA VAL A 138 7.65 -14.70 6.36
C VAL A 138 7.92 -14.08 7.74
N LEU A 139 7.90 -12.75 7.78
CA LEU A 139 8.33 -11.98 8.98
C LEU A 139 7.12 -11.51 9.79
N ASN A 140 5.91 -11.92 9.38
CA ASN A 140 4.67 -11.59 10.11
C ASN A 140 4.51 -10.07 10.24
N LEU A 141 4.65 -9.35 9.13
CA LEU A 141 4.52 -7.89 9.17
C LEU A 141 3.19 -7.47 8.55
N GLN A 142 2.38 -6.72 9.28
CA GLN A 142 1.10 -6.13 8.79
C GLN A 142 1.40 -5.14 7.67
N PRO A 143 0.80 -5.33 6.48
CA PRO A 143 0.88 -4.34 5.40
C PRO A 143 0.56 -2.89 5.86
N PHE A 144 -0.47 -2.71 6.69
CA PHE A 144 -0.94 -1.41 7.20
C PHE A 144 0.19 -0.70 7.95
N TYR A 145 1.07 -1.43 8.61
CA TYR A 145 2.25 -0.85 9.30
C TYR A 145 3.44 -0.75 8.34
N PHE A 146 3.74 -1.82 7.62
CA PHE A 146 4.93 -1.90 6.76
C PHE A 146 4.98 -0.74 5.74
N TYR A 147 3.88 -0.42 5.06
CA TYR A 147 3.89 0.56 3.94
C TYR A 147 4.56 1.89 4.27
N LYS A 148 4.44 2.40 5.50
CA LYS A 148 4.95 3.75 5.87
C LYS A 148 6.45 3.91 5.65
N VAL A 149 7.22 2.84 5.72
CA VAL A 149 8.70 2.71 5.59
C VAL A 149 9.17 3.04 4.17
N ILE A 150 8.29 2.74 3.21
CA ILE A 150 8.70 2.77 1.77
C ILE A 150 9.13 4.19 1.41
N GLU A 151 8.30 5.18 1.74
CA GLU A 151 8.67 6.57 1.39
C GLU A 151 9.87 7.03 2.21
N VAL A 152 10.01 6.60 3.46
CA VAL A 152 11.23 6.92 4.26
C VAL A 152 12.45 6.38 3.51
N VAL A 153 12.39 5.14 3.03
CA VAL A 153 13.53 4.51 2.31
C VAL A 153 13.81 5.27 1.01
N ILE A 154 12.79 5.64 0.23
CA ILE A 154 12.96 6.32 -1.08
C ILE A 154 13.56 7.71 -0.85
N ARG A 155 13.15 8.42 0.20
CA ARG A 155 13.74 9.78 0.39
C ARG A 155 15.08 9.70 1.14
N SER A 156 15.48 8.59 1.74
CA SER A 156 16.68 8.38 2.58
C SER A 156 17.85 7.76 1.81
N GLU A 157 17.55 7.08 0.70
CA GLU A 157 18.59 6.36 -0.09
C GLU A 157 18.52 6.81 -1.55
N GLU A 158 19.21 7.90 -1.90
CA GLU A 158 19.16 8.46 -3.28
C GLU A 158 19.95 7.61 -4.27
N GLY A 159 20.67 6.60 -3.81
CA GLY A 159 21.38 5.69 -4.72
C GLY A 159 20.45 4.70 -5.37
N LEU A 160 19.21 4.60 -4.89
CA LEU A 160 18.23 3.63 -5.45
C LEU A 160 17.98 3.96 -6.93
N SER A 161 17.98 2.93 -7.77
CA SER A 161 17.71 3.09 -9.21
C SER A 161 16.24 3.42 -9.43
N ARG A 162 15.90 3.85 -10.64
CA ARG A 162 14.48 4.15 -10.96
C ARG A 162 13.67 2.86 -10.88
N ASP A 163 14.24 1.73 -11.28
CA ASP A 163 13.53 0.42 -11.24
C ASP A 163 13.24 0.05 -9.78
N MET A 164 14.21 0.28 -8.89
CA MET A 164 14.02 0.00 -7.44
C MET A 164 12.88 0.86 -6.89
N VAL A 165 12.85 2.14 -7.24
CA VAL A 165 11.85 3.10 -6.69
C VAL A 165 10.48 2.75 -7.29
N LYS A 166 10.44 2.36 -8.56
CA LYS A 166 9.16 1.94 -9.21
C LYS A 166 8.66 0.67 -8.52
N HIS A 167 9.51 -0.32 -8.25
CA HIS A 167 9.14 -1.52 -7.48
C HIS A 167 8.55 -1.13 -6.11
N LEU A 168 9.23 -0.28 -5.35
CA LEU A 168 8.77 0.08 -3.99
C LEU A 168 7.44 0.84 -4.09
N ASN A 169 7.26 1.71 -5.10
CA ASN A 169 6.01 2.51 -5.30
C ASN A 169 4.87 1.54 -5.61
N SER A 170 5.15 0.49 -6.37
CA SER A 170 4.20 -0.53 -6.83
C SER A 170 3.72 -1.36 -5.62
N ILE A 171 4.64 -1.81 -4.76
CA ILE A 171 4.27 -2.52 -3.50
C ILE A 171 3.45 -1.57 -2.63
N GLU A 172 3.80 -0.30 -2.49
CA GLU A 172 3.00 0.68 -1.72
C GLU A 172 1.55 0.70 -2.23
N GLU A 173 1.36 0.72 -3.54
CA GLU A 173 0.01 0.79 -4.14
C GLU A 173 -0.76 -0.51 -3.91
N GLN A 174 -0.07 -1.64 -3.96
CA GLN A 174 -0.76 -2.94 -3.76
C GLN A 174 -1.36 -2.94 -2.37
N ILE A 175 -0.62 -2.41 -1.41
CA ILE A 175 -1.09 -2.36 0.00
C ILE A 175 -2.29 -1.41 0.10
N LEU A 176 -2.18 -0.23 -0.48
CA LEU A 176 -3.26 0.77 -0.39
C LEU A 176 -4.50 0.28 -1.11
N GLU A 177 -4.34 -0.38 -2.25
CA GLU A 177 -5.48 -0.88 -3.06
C GLU A 177 -6.17 -2.11 -2.46
N SER A 178 -5.43 -3.05 -1.88
CA SER A 178 -6.05 -4.31 -1.44
C SER A 178 -5.52 -4.85 -0.12
N LEU A 179 -4.22 -5.01 0.03
CA LEU A 179 -3.66 -5.76 1.18
C LEU A 179 -4.04 -5.19 2.54
N ALA A 180 -4.03 -3.88 2.69
CA ALA A 180 -4.36 -3.22 3.97
C ALA A 180 -5.85 -3.36 4.27
N TRP A 181 -6.61 -3.85 3.30
CA TRP A 181 -8.08 -3.92 3.48
C TRP A 181 -8.54 -5.35 3.79
N SER A 182 -7.62 -6.31 3.87
CA SER A 182 -7.97 -7.72 4.19
C SER A 182 -8.59 -7.78 5.60
N HIS A 183 -9.44 -8.77 5.88
CA HIS A 183 -10.25 -8.86 7.12
C HIS A 183 -9.36 -8.96 8.37
N ASP A 184 -8.11 -9.39 8.28
CA ASP A 184 -7.18 -9.46 9.45
C ASP A 184 -6.09 -8.37 9.37
N SER A 185 -6.28 -7.32 8.56
CA SER A 185 -5.46 -6.08 8.57
C SER A 185 -5.63 -5.31 9.89
N ALA A 186 -4.53 -4.77 10.41
CA ALA A 186 -4.50 -3.93 11.61
C ALA A 186 -5.26 -2.62 11.32
N LEU A 187 -5.53 -2.31 10.07
CA LEU A 187 -6.33 -1.12 9.70
C LEU A 187 -7.64 -1.16 10.50
N TRP A 188 -8.31 -2.32 10.59
CA TRP A 188 -9.62 -2.43 11.28
C TRP A 188 -9.46 -2.13 12.77
N GLU A 189 -8.31 -2.47 13.34
CA GLU A 189 -7.97 -2.24 14.76
C GLU A 189 -7.83 -0.73 14.95
N ALA A 190 -7.10 -0.10 14.04
CA ALA A 190 -6.85 1.36 14.04
C ALA A 190 -8.20 2.08 13.90
N LEU A 191 -9.07 1.67 12.98
CA LEU A 191 -10.43 2.29 12.86
C LEU A 191 -11.18 2.12 14.19
N GLN A 192 -11.13 0.91 14.75
CA GLN A 192 -11.89 0.54 15.96
C GLN A 192 -11.53 1.49 17.11
N VAL A 193 -10.25 1.76 17.30
CA VAL A 193 -9.80 2.59 18.46
C VAL A 193 -10.20 4.05 18.25
N SER A 194 -10.47 4.49 17.03
CA SER A 194 -10.95 5.82 16.58
C SER A 194 -12.47 5.85 16.51
N ALA A 195 -13.19 4.92 17.16
CA ALA A 195 -14.68 4.86 17.16
C ALA A 195 -15.18 4.64 15.74
N ASN A 196 -14.36 4.01 14.88
CA ASN A 196 -14.66 3.72 13.46
C ASN A 196 -14.94 5.01 12.70
N LYS A 197 -14.39 6.15 13.13
CA LYS A 197 -14.60 7.37 12.31
C LYS A 197 -13.47 7.40 11.29
N VAL A 198 -13.93 7.16 10.06
CA VAL A 198 -12.96 7.20 8.92
C VAL A 198 -12.70 8.65 8.57
N PRO A 199 -11.40 9.00 8.44
CA PRO A 199 -11.04 10.34 7.99
C PRO A 199 -11.60 10.65 6.59
N THR A 200 -12.04 11.90 6.45
CA THR A 200 -12.58 12.40 5.17
C THR A 200 -11.44 13.05 4.40
N CYS A 201 -11.62 13.28 3.10
CA CYS A 201 -10.60 13.92 2.24
C CYS A 201 -10.17 15.26 2.81
N GLU A 202 -11.12 16.12 3.16
CA GLU A 202 -10.80 17.47 3.69
C GLU A 202 -9.93 17.35 4.93
N GLU A 203 -10.29 16.44 5.84
CA GLU A 203 -9.52 16.33 7.11
C GLU A 203 -8.09 15.82 6.87
N VAL A 204 -7.77 15.26 5.70
CA VAL A 204 -6.41 14.68 5.50
C VAL A 204 -5.63 15.35 4.34
N ILE A 205 -6.28 15.77 3.26
CA ILE A 205 -5.65 16.51 2.13
C ILE A 205 -5.30 17.93 2.57
N PHE A 206 -6.04 18.42 3.56
CA PHE A 206 -5.76 19.78 4.07
C PHE A 206 -5.54 19.71 5.58
N ARG A 219 -7.49 13.43 11.53
CA ARG A 219 -6.67 14.67 11.37
C ARG A 219 -5.20 14.30 11.20
N THR A 220 -4.54 13.80 12.24
CA THR A 220 -3.15 13.29 12.04
C THR A 220 -3.07 11.90 12.65
N GLY A 221 -1.95 11.20 12.44
CA GLY A 221 -1.81 9.81 12.90
C GLY A 221 -1.72 8.81 11.76
N SER A 222 -1.62 7.53 12.09
CA SER A 222 -1.48 6.46 11.07
C SER A 222 -2.73 6.35 10.20
N LEU A 223 -3.92 6.42 10.79
CA LEU A 223 -5.18 6.39 10.02
C LEU A 223 -5.17 7.58 9.05
N ALA A 224 -4.82 8.76 9.54
CA ALA A 224 -4.79 9.99 8.70
C ALA A 224 -3.80 9.83 7.54
N LEU A 225 -2.58 9.36 7.79
CA LEU A 225 -1.55 9.11 6.75
C LEU A 225 -2.11 8.11 5.75
N PHE A 226 -2.63 6.97 6.23
CA PHE A 226 -3.13 5.88 5.37
C PHE A 226 -4.21 6.41 4.39
N TYR A 227 -5.24 7.05 4.90
CA TYR A 227 -6.36 7.57 4.05
C TYR A 227 -5.86 8.68 3.11
N ARG A 228 -4.94 9.54 3.56
CA ARG A 228 -4.39 10.58 2.65
C ARG A 228 -3.69 9.88 1.48
N LYS A 229 -2.94 8.80 1.67
CA LYS A 229 -2.32 8.07 0.54
C LYS A 229 -3.44 7.40 -0.26
N VAL A 230 -4.45 6.83 0.39
CA VAL A 230 -5.57 6.17 -0.34
C VAL A 230 -6.32 7.21 -1.21
N TYR A 231 -6.68 8.37 -0.68
CA TYR A 231 -7.36 9.46 -1.43
C TYR A 231 -6.46 9.92 -2.57
N HIS A 232 -5.16 10.14 -2.32
CA HIS A 232 -4.20 10.50 -3.39
C HIS A 232 -4.26 9.43 -4.50
N LEU A 233 -3.94 8.17 -4.20
CA LEU A 233 -3.96 7.08 -5.23
C LEU A 233 -5.30 7.09 -6.01
N ALA A 234 -6.45 7.16 -5.35
CA ALA A 234 -7.75 7.00 -6.05
C ALA A 234 -8.09 8.24 -6.91
N SER A 235 -7.81 9.46 -6.43
CA SER A 235 -7.98 10.72 -7.20
C SER A 235 -7.24 10.61 -8.54
N VAL A 236 -5.98 10.19 -8.53
CA VAL A 236 -5.11 10.03 -9.72
C VAL A 236 -5.77 9.04 -10.69
N ARG A 237 -6.20 7.87 -10.21
CA ARG A 237 -6.84 6.83 -11.05
C ARG A 237 -8.18 7.34 -11.60
N LEU A 238 -8.93 8.13 -10.83
CA LEU A 238 -10.24 8.68 -11.26
C LEU A 238 -10.00 9.71 -12.38
N ARG A 239 -8.97 10.56 -12.24
CA ARG A 239 -8.66 11.61 -13.24
C ARG A 239 -8.45 10.90 -14.59
N ASP A 240 -7.60 9.87 -14.63
CA ASP A 240 -7.33 9.17 -15.90
C ASP A 240 -8.61 8.54 -16.46
N LEU A 241 -9.46 7.93 -15.64
CA LEU A 241 -10.66 7.29 -16.21
C LEU A 241 -11.59 8.37 -16.78
N CYS A 242 -11.71 9.50 -16.09
CA CYS A 242 -12.60 10.60 -16.52
C CYS A 242 -12.07 11.23 -17.81
N LEU A 243 -10.76 11.17 -18.00
CA LEU A 243 -10.18 11.78 -19.21
C LEU A 243 -10.38 10.80 -20.36
N LYS A 244 -10.19 9.49 -20.13
CA LYS A 244 -10.32 8.50 -21.22
C LYS A 244 -11.80 8.25 -21.53
N LEU A 245 -12.70 8.84 -20.75
CA LEU A 245 -14.12 8.72 -21.14
C LEU A 245 -14.67 10.14 -21.31
N ASP A 246 -13.78 11.14 -21.36
CA ASP A 246 -14.30 12.46 -21.81
C ASP A 246 -15.44 12.92 -20.89
N VAL A 247 -15.41 12.83 -19.57
CA VAL A 247 -16.60 13.25 -18.78
C VAL A 247 -16.37 14.63 -18.18
N SER A 248 -17.45 15.31 -17.83
CA SER A 248 -17.42 16.66 -17.22
C SER A 248 -16.57 16.65 -15.95
N ASN A 249 -15.89 17.74 -15.64
CA ASN A 249 -15.12 17.84 -14.37
C ASN A 249 -16.12 17.90 -13.22
N GLU A 250 -17.37 18.24 -13.49
CA GLU A 250 -18.41 18.32 -12.43
C GLU A 250 -18.94 16.91 -12.08
N LEU A 251 -18.94 15.97 -13.02
CA LEU A 251 -19.36 14.58 -12.74
C LEU A 251 -18.23 13.94 -11.95
N ARG A 252 -16.99 14.24 -12.33
CA ARG A 252 -15.81 13.71 -11.62
C ARG A 252 -15.95 14.07 -10.14
N ARG A 253 -16.31 15.32 -9.84
CA ARG A 253 -16.39 15.76 -8.43
C ARG A 253 -17.53 15.03 -7.72
N LYS A 254 -18.62 14.73 -8.41
CA LYS A 254 -19.73 13.94 -7.82
C LYS A 254 -19.30 12.48 -7.66
N ILE A 255 -18.60 11.91 -8.63
CA ILE A 255 -18.07 10.51 -8.48
C ILE A 255 -17.16 10.46 -7.24
N TRP A 256 -16.25 11.43 -7.11
CA TRP A 256 -15.29 11.53 -5.98
C TRP A 256 -16.07 11.59 -4.68
N THR A 257 -17.17 12.35 -4.65
CA THR A 257 -17.98 12.58 -3.42
C THR A 257 -18.68 11.25 -3.09
N CYS A 258 -19.14 10.49 -4.10
CA CYS A 258 -19.79 9.18 -3.87
C CYS A 258 -18.76 8.17 -3.36
N PHE A 259 -17.59 8.08 -4.02
CA PHE A 259 -16.42 7.31 -3.58
C PHE A 259 -16.15 7.61 -2.10
N GLU A 260 -15.93 8.88 -1.75
CA GLU A 260 -15.67 9.33 -0.36
C GLU A 260 -16.79 8.87 0.56
N PHE A 261 -18.05 8.97 0.13
CA PHE A 261 -19.22 8.49 0.92
C PHE A 261 -19.03 6.99 1.19
N THR A 262 -18.66 6.19 0.19
CA THR A 262 -18.50 4.73 0.41
C THR A 262 -17.32 4.48 1.35
N LEU A 263 -16.16 5.15 1.21
CA LEU A 263 -14.99 4.93 2.12
C LEU A 263 -15.38 5.37 3.52
N VAL A 264 -16.12 6.45 3.70
CA VAL A 264 -16.39 6.97 5.07
C VAL A 264 -17.60 6.30 5.73
N HIS A 265 -18.68 6.07 5.01
CA HIS A 265 -19.94 5.55 5.62
C HIS A 265 -20.20 4.07 5.27
N CYS A 266 -19.49 3.51 4.30
CA CYS A 266 -19.61 2.11 3.84
C CYS A 266 -18.24 1.41 3.95
N PRO A 267 -17.41 1.59 4.99
CA PRO A 267 -16.05 1.07 4.97
C PRO A 267 -15.99 -0.46 4.88
N ASP A 268 -17.03 -1.14 5.32
CA ASP A 268 -17.09 -2.62 5.30
C ASP A 268 -17.01 -3.13 3.88
N LEU A 269 -17.49 -2.33 2.93
CA LEU A 269 -17.46 -2.74 1.52
C LEU A 269 -16.02 -2.98 1.04
N MET A 270 -15.06 -2.24 1.58
CA MET A 270 -13.65 -2.44 1.18
C MET A 270 -13.08 -3.75 1.76
N LYS A 271 -13.72 -4.37 2.77
CA LYS A 271 -12.96 -5.47 3.45
C LYS A 271 -12.94 -6.71 2.55
N ASP A 272 -11.70 -7.07 2.28
CA ASP A 272 -11.29 -8.19 1.37
C ASP A 272 -11.55 -7.81 -0.09
N ARG A 273 -11.71 -6.53 -0.42
CA ARG A 273 -11.94 -6.10 -1.83
C ARG A 273 -10.81 -5.17 -2.30
N HIS A 274 -11.06 -4.51 -3.42
CA HIS A 274 -10.10 -3.69 -4.20
C HIS A 274 -10.70 -2.30 -4.37
N LEU A 275 -9.87 -1.29 -4.17
CA LEU A 275 -10.19 0.15 -4.23
C LEU A 275 -10.92 0.45 -5.55
N ASP A 276 -10.43 -0.17 -6.62
CA ASP A 276 -10.83 0.13 -8.02
C ASP A 276 -12.29 -0.33 -8.17
N GLN A 277 -12.65 -1.44 -7.55
CA GLN A 277 -14.02 -1.98 -7.59
C GLN A 277 -15.00 -0.95 -7.00
N LEU A 278 -14.61 -0.23 -5.94
CA LEU A 278 -15.52 0.80 -5.36
C LEU A 278 -15.53 2.04 -6.25
N LEU A 279 -14.41 2.38 -6.89
CA LEU A 279 -14.27 3.60 -7.73
C LEU A 279 -15.14 3.45 -8.99
N LEU A 280 -15.14 2.27 -9.62
CA LEU A 280 -15.90 2.02 -10.87
C LEU A 280 -17.39 2.05 -10.54
N CYS A 281 -17.79 1.47 -9.41
CA CYS A 281 -19.24 1.48 -9.17
C CYS A 281 -19.66 2.90 -8.76
N ALA A 282 -18.79 3.75 -8.21
CA ALA A 282 -19.07 5.18 -7.94
C ALA A 282 -19.20 5.93 -9.28
N PHE A 283 -18.40 5.53 -10.28
CA PHE A 283 -18.44 6.09 -11.66
C PHE A 283 -19.81 5.81 -12.29
N TYR A 284 -20.28 4.56 -12.25
CA TYR A 284 -21.52 4.14 -12.93
C TYR A 284 -22.71 4.85 -12.27
N ILE A 285 -22.85 4.73 -10.95
CA ILE A 285 -24.08 5.17 -10.22
C ILE A 285 -24.21 6.69 -10.31
N MET A 286 -23.10 7.42 -10.34
CA MET A 286 -23.26 8.90 -10.39
C MET A 286 -23.24 9.36 -11.85
N ALA A 287 -22.62 8.66 -12.81
CA ALA A 287 -22.91 8.82 -14.25
C ALA A 287 -24.43 8.75 -14.43
N LYS A 288 -25.05 7.64 -14.06
CA LYS A 288 -26.51 7.43 -14.26
C LYS A 288 -27.37 8.48 -13.56
N VAL A 289 -27.18 8.70 -12.25
CA VAL A 289 -28.07 9.62 -11.49
C VAL A 289 -27.97 11.03 -12.08
N THR A 290 -26.82 11.45 -12.59
CA THR A 290 -26.79 12.84 -13.08
C THR A 290 -27.17 12.84 -14.55
N LYS A 291 -27.38 11.66 -15.14
CA LYS A 291 -27.86 11.50 -16.54
C LYS A 291 -26.70 11.68 -17.53
N GLU A 292 -25.47 11.87 -17.05
CA GLU A 292 -24.31 11.87 -17.98
C GLU A 292 -23.92 10.41 -18.09
N GLU A 293 -24.76 9.59 -18.70
CA GLU A 293 -24.58 8.12 -18.67
C GLU A 293 -23.38 7.56 -19.44
N ARG A 294 -22.67 6.60 -18.83
CA ARG A 294 -21.60 5.84 -19.51
C ARG A 294 -21.89 4.41 -19.07
N THR A 295 -21.83 3.43 -19.98
CA THR A 295 -22.27 2.05 -19.64
C THR A 295 -21.25 1.41 -18.72
N PHE A 296 -21.70 0.49 -17.85
CA PHE A 296 -20.55 -0.10 -17.11
C PHE A 296 -19.58 -0.72 -18.12
N GLN A 297 -19.96 -1.35 -19.22
CA GLN A 297 -18.90 -1.79 -20.17
C GLN A 297 -18.01 -0.61 -20.58
N GLU A 298 -18.51 0.60 -20.81
CA GLU A 298 -17.63 1.73 -21.18
C GLU A 298 -16.56 1.96 -20.11
N ILE A 299 -16.99 2.11 -18.86
CA ILE A 299 -16.06 2.32 -17.71
C ILE A 299 -15.00 1.23 -17.73
N MET A 300 -15.38 -0.04 -17.78
CA MET A 300 -14.42 -1.17 -17.63
C MET A 300 -13.34 -1.20 -18.71
N LYS A 301 -13.69 -0.94 -19.95
CA LYS A 301 -12.70 -1.09 -21.05
C LYS A 301 -11.58 -0.09 -20.85
N SER A 302 -11.94 1.13 -20.50
CA SER A 302 -10.93 2.18 -20.24
C SER A 302 -10.09 1.78 -19.02
N TYR A 303 -10.72 1.19 -18.01
CA TYR A 303 -9.99 0.79 -16.79
C TYR A 303 -8.89 -0.19 -17.17
N ARG A 304 -9.15 -1.09 -18.09
CA ARG A 304 -8.17 -2.15 -18.45
C ARG A 304 -6.83 -1.57 -18.88
N ASN A 305 -6.82 -0.35 -19.37
CA ASN A 305 -5.56 0.27 -19.86
C ASN A 305 -4.74 0.81 -18.69
N GLN A 306 -5.33 0.90 -17.49
CA GLN A 306 -4.59 1.38 -16.29
C GLN A 306 -3.57 0.32 -15.87
N PRO A 307 -2.35 0.70 -15.44
CA PRO A 307 -1.30 -0.25 -15.12
C PRO A 307 -1.65 -1.33 -14.08
N GLN A 308 -2.38 -0.98 -13.02
CA GLN A 308 -2.67 -1.90 -11.90
C GLN A 308 -3.83 -2.81 -12.29
N ALA A 309 -4.46 -2.51 -13.41
CA ALA A 309 -5.67 -3.25 -13.78
C ALA A 309 -5.37 -4.67 -14.22
N ASN A 310 -6.20 -5.59 -13.76
CA ASN A 310 -6.15 -6.91 -14.42
C ASN A 310 -7.57 -7.42 -14.29
N SER A 311 -7.86 -8.40 -15.11
CA SER A 311 -9.25 -8.81 -15.35
C SER A 311 -9.95 -9.18 -14.05
N HIS A 312 -9.20 -9.76 -13.12
CA HIS A 312 -9.79 -10.25 -11.84
C HIS A 312 -10.47 -9.13 -11.08
N VAL A 313 -10.05 -7.89 -11.28
CA VAL A 313 -10.63 -6.76 -10.51
C VAL A 313 -12.13 -6.62 -10.84
N TYR A 314 -12.53 -6.87 -12.09
CA TYR A 314 -13.95 -6.75 -12.48
C TYR A 314 -14.59 -8.10 -12.81
N ARG A 315 -13.81 -9.18 -12.78
CA ARG A 315 -14.37 -10.53 -13.06
C ARG A 315 -14.47 -11.37 -11.77
N SER A 316 -13.63 -11.10 -10.77
CA SER A 316 -13.63 -11.90 -9.52
C SER A 316 -13.81 -10.95 -8.33
N VAL A 317 -15.04 -10.60 -8.03
CA VAL A 317 -15.39 -9.63 -6.96
C VAL A 317 -16.11 -10.41 -5.85
N LEU A 318 -15.61 -10.26 -4.63
CA LEU A 318 -16.16 -10.90 -3.41
C LEU A 318 -17.59 -10.43 -3.23
N LEU A 319 -18.52 -11.38 -3.06
CA LEU A 319 -19.97 -11.08 -2.87
C LEU A 319 -20.42 -11.50 -1.46
N LYS A 320 -20.04 -12.68 -0.95
CA LYS A 320 -20.40 -13.16 0.42
C LYS A 320 -19.19 -13.83 1.08
N SER A 321 -19.18 -13.86 2.42
CA SER A 321 -18.13 -14.48 3.27
C SER A 321 -18.81 -15.23 4.43
N GLU A 324 -18.18 -18.09 0.82
CA GLU A 324 -17.21 -17.31 0.02
C GLU A 324 -17.63 -17.36 -1.46
N GLU A 325 -18.55 -16.49 -1.90
CA GLU A 325 -18.92 -16.53 -3.34
C GLU A 325 -18.35 -15.27 -4.02
N ARG A 326 -17.98 -15.46 -5.29
CA ARG A 326 -17.35 -14.44 -6.15
C ARG A 326 -18.22 -14.26 -7.42
N GLY A 327 -18.20 -13.06 -7.99
CA GLY A 327 -18.94 -12.76 -9.23
C GLY A 327 -18.33 -11.55 -9.90
N ASP A 328 -18.95 -11.06 -10.96
CA ASP A 328 -18.39 -9.91 -11.70
C ASP A 328 -18.76 -8.62 -10.99
N LEU A 329 -18.22 -7.49 -11.44
CA LEU A 329 -18.48 -6.19 -10.77
C LEU A 329 -19.97 -5.83 -10.88
N ILE A 330 -20.57 -6.13 -12.03
CA ILE A 330 -22.01 -5.80 -12.29
C ILE A 330 -22.87 -6.56 -11.28
N LYS A 331 -22.55 -7.84 -11.07
CA LYS A 331 -23.27 -8.64 -10.06
C LYS A 331 -23.13 -7.94 -8.70
N PHE A 332 -21.90 -7.58 -8.32
CA PHE A 332 -21.65 -6.88 -7.03
C PHE A 332 -22.44 -5.58 -6.97
N TYR A 333 -22.44 -4.82 -8.07
CA TYR A 333 -23.16 -3.53 -8.10
C TYR A 333 -24.62 -3.77 -7.79
N ASN A 334 -25.25 -4.72 -8.49
CA ASN A 334 -26.72 -4.96 -8.36
C ASN A 334 -27.06 -5.61 -7.01
N THR A 335 -26.27 -6.56 -6.52
CA THR A 335 -26.62 -7.36 -5.30
C THR A 335 -26.25 -6.60 -4.03
N ILE A 336 -25.19 -5.78 -4.07
CA ILE A 336 -24.54 -5.17 -2.87
C ILE A 336 -24.58 -3.65 -2.98
N TYR A 337 -23.94 -3.10 -4.01
CA TYR A 337 -23.53 -1.68 -4.06
C TYR A 337 -24.78 -0.78 -4.08
N VAL A 338 -25.67 -1.00 -5.05
CA VAL A 338 -26.84 -0.09 -5.24
C VAL A 338 -27.63 0.03 -3.94
N GLY A 339 -27.91 -1.03 -3.19
CA GLY A 339 -28.73 -0.94 -1.97
C GLY A 339 -28.05 -0.09 -0.91
N ARG A 340 -26.72 -0.25 -0.76
CA ARG A 340 -25.94 0.40 0.31
C ARG A 340 -25.77 1.89 0.02
N VAL A 341 -25.80 2.32 -1.25
CA VAL A 341 -25.31 3.67 -1.70
C VAL A 341 -26.43 4.53 -2.35
N LYS A 342 -27.57 3.96 -2.75
CA LYS A 342 -28.58 4.66 -3.63
C LYS A 342 -29.16 5.88 -2.87
N SER A 343 -29.42 5.74 -1.58
CA SER A 343 -29.90 6.81 -0.67
C SER A 343 -28.94 8.00 -0.73
N PHE A 344 -27.62 7.80 -0.85
CA PHE A 344 -26.65 8.92 -0.98
C PHE A 344 -26.68 9.51 -2.40
N ALA A 345 -26.54 8.67 -3.44
CA ALA A 345 -26.38 9.10 -4.84
C ALA A 345 -27.63 9.83 -5.33
N LEU A 346 -28.83 9.42 -4.88
CA LEU A 346 -30.09 10.02 -5.39
C LEU A 346 -30.25 11.46 -4.88
N LYS A 347 -29.44 11.93 -3.92
CA LYS A 347 -29.30 13.37 -3.54
C LYS A 347 -28.79 14.20 -4.72
N TYR A 348 -28.40 13.57 -5.82
CA TYR A 348 -27.86 14.21 -7.05
C TYR A 348 -28.74 13.89 -8.27
N ASP A 349 -30.04 13.63 -8.08
CA ASP A 349 -30.93 13.30 -9.25
C ASP A 349 -31.71 14.55 -9.68
N PRO A 360 -25.54 20.22 -4.66
CA PRO A 360 -25.52 19.59 -3.35
C PRO A 360 -24.07 19.52 -2.85
N PRO A 361 -23.80 19.29 -1.54
CA PRO A 361 -22.44 19.30 -1.02
C PRO A 361 -21.47 18.39 -1.79
N LEU A 362 -20.40 18.97 -2.35
CA LEU A 362 -19.38 18.19 -3.10
C LEU A 362 -18.12 18.10 -2.24
N SER A 363 -17.17 17.24 -2.60
CA SER A 363 -15.99 17.09 -1.73
C SER A 363 -14.73 17.54 -2.43
N PRO A 364 -13.75 18.05 -1.67
CA PRO A 364 -12.49 18.50 -2.24
C PRO A 364 -11.68 17.42 -2.97
N PHE A 365 -11.58 17.53 -4.29
CA PHE A 365 -10.80 16.56 -5.11
C PHE A 365 -9.32 16.92 -5.03
N PRO A 366 -8.43 15.96 -4.68
CA PRO A 366 -7.00 16.23 -4.55
C PRO A 366 -6.27 16.64 -5.83
N HIS A 367 -5.34 17.59 -5.75
CA HIS A 367 -4.52 18.05 -6.91
C HIS A 367 -5.32 17.94 -8.22
N LEU B 1 -41.98 -3.00 -8.07
CA LEU B 1 -41.55 -1.73 -8.67
C LEU B 1 -40.08 -1.87 -9.06
N THR B 2 -39.70 -1.31 -10.19
CA THR B 2 -38.31 -1.46 -10.68
C THR B 2 -37.40 -0.45 -9.98
N GLU B 3 -36.12 -0.80 -9.74
CA GLU B 3 -35.12 0.17 -9.25
C GLU B 3 -34.27 0.56 -10.46
N GLU B 4 -34.36 1.81 -10.92
CA GLU B 4 -33.68 2.28 -12.16
C GLU B 4 -32.17 2.17 -12.12
N LEU B 5 -31.57 2.47 -10.97
CA LEU B 5 -30.09 2.57 -10.89
C LEU B 5 -29.44 1.22 -11.21
N GLY B 6 -30.18 0.13 -11.10
CA GLY B 6 -29.66 -1.20 -11.50
C GLY B 6 -29.13 -1.25 -12.91
N CYS B 7 -28.20 -2.17 -13.19
CA CYS B 7 -27.56 -2.29 -14.52
C CYS B 7 -27.94 -3.62 -15.12
N ASP B 8 -28.36 -3.60 -16.39
CA ASP B 8 -28.82 -4.86 -17.03
C ASP B 8 -27.81 -5.30 -18.09
N GLU B 9 -26.59 -4.76 -18.05
CA GLU B 9 -25.53 -5.15 -19.02
C GLU B 9 -24.87 -6.46 -18.60
N ILE B 10 -24.08 -7.07 -19.49
CA ILE B 10 -23.43 -8.41 -19.36
C ILE B 10 -22.11 -8.39 -20.11
N ILE B 11 -21.10 -9.20 -19.74
CA ILE B 11 -19.80 -9.34 -20.48
C ILE B 11 -19.22 -10.74 -20.20
N ASP B 12 -18.50 -11.38 -21.14
CA ASP B 12 -17.88 -12.69 -20.82
C ASP B 12 -16.77 -13.07 -21.81
N ARG B 13 -15.78 -12.20 -22.03
CA ARG B 13 -14.62 -12.55 -22.89
C ARG B 13 -14.00 -13.86 -22.40
N GLU B 14 -13.96 -14.08 -21.09
CA GLU B 14 -13.40 -15.33 -20.51
C GLU B 14 -14.46 -16.44 -20.56
#